data_3V6P
#
_entry.id   3V6P
#
_cell.length_a   74.762
_cell.length_b   95.507
_cell.length_c   153.207
_cell.angle_alpha   90.00
_cell.angle_beta   90.00
_cell.angle_gamma   90.00
#
_symmetry.space_group_name_H-M   'C 2 2 21'
#
loop_
_entity.id
_entity.type
_entity.pdbx_description
1 polymer dHax3
2 water water
#
_entity_poly.entity_id   1
_entity_poly.type   'polypeptide(L)'
_entity_poly.pdbx_seq_one_letter_code
;TAVEAVHAWRNALTGAPLNLTPEQVVAIASHDGGKQALETVQRLLPVLCQAHGLTPQQVVAIASHDGGKQALETVQRLLP
VLCQAHGLTPEQVVAIASHDGGKQALETVQALLPVLCQAHGLTPEQVVAIASNGGGKQALETVQRLLPVLCQAHGLTPQQ
VVAIASNGGGKQALETVQRLLPVLCQAHGLTPQQVVAIASNGGGKQALETVQRLLPVLCQAHGLTPQQVVAIASNSGGKQ
ALETVQRLLPVLCQAHGLTPQQVVAIASNGGGKQALETVQRLLPVLCQAHGLTPQQVVAIASHDGGKQALETVQRLLPVL
CQAHGLTPEQVVAIASNGGGKQALETVQRLLPVLCQAHGLTPEQVVAIASHDGGKQALETVQRLLPVLCQAHGLTPQQVV
AIASNGGGRPALESIVAQLSRPDPALAALTNDHLLEHHHHHH
;
_entity_poly.pdbx_strand_id   A
#
# COMPACT_ATOMS: atom_id res chain seq x y z
N GLY A 34 12.28 -16.51 -31.09
CA GLY A 34 10.89 -16.58 -31.51
C GLY A 34 10.43 -18.03 -31.73
N LYS A 35 10.67 -18.56 -32.93
CA LYS A 35 10.53 -20.00 -33.15
C LYS A 35 11.44 -20.77 -32.19
N GLN A 36 12.65 -20.27 -32.00
CA GLN A 36 13.58 -20.94 -31.08
C GLN A 36 13.16 -20.74 -29.63
N ALA A 37 12.60 -19.59 -29.30
CA ALA A 37 12.02 -19.41 -27.97
C ALA A 37 10.94 -20.47 -27.68
N LEU A 38 10.10 -20.81 -28.64
CA LEU A 38 9.10 -21.88 -28.42
C LEU A 38 9.73 -23.27 -28.28
N GLU A 39 10.72 -23.60 -29.11
CA GLU A 39 11.35 -24.91 -29.03
C GLU A 39 11.98 -25.10 -27.67
N THR A 40 12.63 -24.04 -27.18
CA THR A 40 13.35 -24.09 -25.91
C THR A 40 12.40 -24.35 -24.75
N VAL A 41 11.22 -23.75 -24.80
CA VAL A 41 10.18 -23.99 -23.82
C VAL A 41 9.76 -25.45 -23.81
N GLN A 42 9.54 -26.01 -25.01
CA GLN A 42 9.30 -27.44 -25.07
C GLN A 42 10.43 -28.21 -24.41
N ARG A 43 11.67 -27.84 -24.74
CA ARG A 43 12.85 -28.51 -24.23
C ARG A 43 13.04 -28.40 -22.72
N LEU A 44 12.83 -27.20 -22.17
CA LEU A 44 13.15 -26.96 -20.75
C LEU A 44 11.98 -26.99 -19.79
N LEU A 45 10.77 -26.81 -20.28
CA LEU A 45 9.61 -26.78 -19.39
C LEU A 45 9.63 -28.00 -18.46
N PRO A 46 9.69 -29.21 -19.04
CA PRO A 46 9.59 -30.45 -18.25
C PRO A 46 10.68 -30.53 -17.18
N VAL A 47 11.91 -30.21 -17.54
CA VAL A 47 13.02 -30.40 -16.62
C VAL A 47 13.07 -29.32 -15.53
N LEU A 48 12.61 -28.12 -15.87
CA LEU A 48 12.60 -27.04 -14.89
C LEU A 48 11.49 -27.25 -13.88
N CYS A 49 10.39 -27.84 -14.33
CA CYS A 49 9.29 -28.16 -13.42
C CYS A 49 9.63 -29.38 -12.56
N GLN A 50 10.17 -30.43 -13.17
CA GLN A 50 10.63 -31.62 -12.45
C GLN A 50 11.77 -31.31 -11.48
N ALA A 51 12.89 -30.85 -12.00
CA ALA A 51 14.12 -30.69 -11.22
C ALA A 51 14.11 -29.52 -10.23
N HIS A 52 13.34 -28.47 -10.50
CA HIS A 52 13.38 -27.31 -9.60
C HIS A 52 12.03 -26.84 -9.09
N GLY A 53 10.97 -27.47 -9.55
CA GLY A 53 9.64 -27.17 -9.05
C GLY A 53 9.00 -25.94 -9.65
N LEU A 54 9.45 -25.55 -10.84
CA LEU A 54 8.80 -24.41 -11.47
C LEU A 54 7.42 -24.84 -11.97
N THR A 55 6.57 -23.86 -12.19
CA THR A 55 5.30 -24.13 -12.82
C THR A 55 5.40 -23.72 -14.27
N PRO A 56 4.59 -24.35 -15.13
CA PRO A 56 4.56 -23.95 -16.53
C PRO A 56 4.37 -22.43 -16.67
N GLN A 57 3.59 -21.84 -15.76
CA GLN A 57 3.35 -20.39 -15.77
C GLN A 57 4.62 -19.61 -15.51
N GLN A 58 5.39 -20.05 -14.52
CA GLN A 58 6.67 -19.40 -14.25
C GLN A 58 7.58 -19.48 -15.49
N VAL A 59 7.69 -20.67 -16.06
CA VAL A 59 8.46 -20.87 -17.30
C VAL A 59 8.01 -19.92 -18.43
N VAL A 60 6.71 -19.86 -18.68
CA VAL A 60 6.17 -18.97 -19.71
C VAL A 60 6.46 -17.50 -19.44
N ALA A 61 6.42 -17.13 -18.15
CA ALA A 61 6.64 -15.74 -17.77
C ALA A 61 8.04 -15.31 -18.19
N ILE A 62 8.95 -16.28 -18.17
CA ILE A 62 10.35 -16.05 -18.48
C ILE A 62 10.60 -16.03 -19.98
N ALA A 63 9.96 -16.96 -20.68
CA ALA A 63 10.12 -17.07 -22.12
C ALA A 63 9.43 -15.93 -22.87
N SER A 64 8.52 -15.25 -22.19
CA SER A 64 7.66 -14.25 -22.83
C SER A 64 8.26 -12.86 -22.78
N HIS A 65 9.55 -12.75 -23.06
CA HIS A 65 10.23 -11.47 -23.12
C HIS A 65 11.23 -11.50 -24.23
N ASP A 66 11.82 -10.36 -24.57
CA ASP A 66 12.82 -10.35 -25.63
C ASP A 66 14.00 -11.25 -25.26
N GLY A 67 14.29 -12.23 -26.12
CA GLY A 67 15.34 -13.20 -25.85
C GLY A 67 14.94 -14.17 -24.75
N GLY A 68 13.78 -14.80 -24.95
CA GLY A 68 13.28 -15.79 -24.01
C GLY A 68 14.08 -17.06 -24.01
N LYS A 69 14.66 -17.43 -25.15
CA LYS A 69 15.48 -18.64 -25.22
C LYS A 69 16.64 -18.61 -24.21
N GLN A 70 17.53 -17.63 -24.36
CA GLN A 70 18.69 -17.49 -23.47
C GLN A 70 18.25 -17.28 -22.01
N ALA A 71 17.19 -16.49 -21.80
CA ALA A 71 16.65 -16.31 -20.46
C ALA A 71 16.39 -17.66 -19.76
N LEU A 72 15.73 -18.56 -20.48
CA LEU A 72 15.39 -19.88 -19.96
C LEU A 72 16.62 -20.74 -19.69
N GLU A 73 17.54 -20.78 -20.66
CA GLU A 73 18.78 -21.54 -20.52
C GLU A 73 19.58 -21.07 -19.31
N THR A 74 19.55 -19.76 -19.08
CA THR A 74 20.26 -19.14 -17.97
C THR A 74 19.65 -19.51 -16.61
N VAL A 75 18.33 -19.50 -16.53
CA VAL A 75 17.65 -19.97 -15.32
C VAL A 75 18.05 -21.40 -15.01
N GLN A 76 18.12 -22.23 -16.05
CA GLN A 76 18.44 -23.65 -15.89
C GLN A 76 19.79 -23.88 -15.21
N ARG A 77 20.81 -23.19 -15.70
CA ARG A 77 22.17 -23.42 -15.21
C ARG A 77 22.51 -22.60 -13.96
N LEU A 78 21.84 -21.47 -13.78
CA LEU A 78 22.12 -20.62 -12.62
C LEU A 78 21.29 -20.97 -11.39
N LEU A 79 20.06 -21.41 -11.60
CA LEU A 79 19.14 -21.68 -10.50
C LEU A 79 19.73 -22.56 -9.39
N PRO A 80 20.31 -23.72 -9.75
CA PRO A 80 20.92 -24.57 -8.71
C PRO A 80 22.04 -23.83 -7.95
N VAL A 81 22.93 -23.18 -8.70
CA VAL A 81 24.05 -22.40 -8.15
C VAL A 81 23.60 -21.35 -7.14
N LEU A 82 22.71 -20.46 -7.56
CA LEU A 82 22.24 -19.38 -6.71
C LEU A 82 21.46 -19.91 -5.51
N CYS A 83 20.78 -21.05 -5.68
CA CYS A 83 20.10 -21.70 -4.56
C CYS A 83 21.11 -22.22 -3.53
N GLN A 84 22.18 -22.85 -4.02
CA GLN A 84 23.20 -23.42 -3.15
C GLN A 84 24.17 -22.41 -2.54
N ALA A 85 24.58 -21.41 -3.31
CA ALA A 85 25.61 -20.46 -2.85
C ALA A 85 25.07 -19.32 -1.97
N HIS A 86 23.81 -18.94 -2.14
CA HIS A 86 23.25 -17.80 -1.41
C HIS A 86 21.82 -18.05 -0.96
N GLY A 87 21.41 -19.32 -1.03
CA GLY A 87 20.07 -19.71 -0.65
C GLY A 87 18.98 -18.85 -1.27
N LEU A 88 18.97 -18.77 -2.60
CA LEU A 88 17.82 -18.17 -3.28
C LEU A 88 16.82 -19.28 -3.63
N THR A 89 15.56 -19.08 -3.28
CA THR A 89 14.53 -20.03 -3.69
C THR A 89 14.39 -19.98 -5.22
N PRO A 90 13.78 -21.03 -5.80
CA PRO A 90 13.56 -20.95 -7.24
C PRO A 90 12.52 -19.87 -7.57
N GLU A 91 11.69 -19.51 -6.60
CA GLU A 91 10.71 -18.45 -6.78
C GLU A 91 11.41 -17.10 -6.96
N GLN A 92 12.48 -16.88 -6.21
CA GLN A 92 13.23 -15.64 -6.30
C GLN A 92 13.93 -15.55 -7.65
N VAL A 93 14.55 -16.66 -8.06
CA VAL A 93 15.20 -16.74 -9.36
C VAL A 93 14.21 -16.47 -10.49
N VAL A 94 13.05 -17.11 -10.46
CA VAL A 94 12.00 -16.88 -11.46
C VAL A 94 11.59 -15.41 -11.53
N ALA A 95 11.44 -14.78 -10.37
CA ALA A 95 11.01 -13.39 -10.31
C ALA A 95 12.03 -12.44 -10.95
N ILE A 96 13.30 -12.85 -10.95
CA ILE A 96 14.34 -12.03 -11.54
C ILE A 96 14.35 -12.23 -13.05
N ALA A 97 14.23 -13.48 -13.46
CA ALA A 97 14.23 -13.84 -14.87
C ALA A 97 13.01 -13.31 -15.63
N SER A 98 11.93 -13.00 -14.90
CA SER A 98 10.64 -12.72 -15.53
C SER A 98 10.39 -11.29 -15.99
N HIS A 99 11.45 -10.60 -16.40
CA HIS A 99 11.34 -9.27 -16.96
C HIS A 99 12.31 -9.11 -18.10
N ASP A 100 12.07 -8.16 -18.99
CA ASP A 100 12.99 -8.00 -20.12
C ASP A 100 14.44 -7.96 -19.64
N GLY A 101 15.30 -8.77 -20.25
CA GLY A 101 16.71 -8.78 -19.88
C GLY A 101 17.01 -9.78 -18.77
N GLY A 102 16.14 -10.78 -18.64
CA GLY A 102 16.27 -11.79 -17.62
C GLY A 102 17.65 -12.41 -17.48
N LYS A 103 18.27 -12.80 -18.60
CA LYS A 103 19.59 -13.42 -18.59
C LYS A 103 20.60 -12.51 -17.90
N GLN A 104 20.65 -11.26 -18.35
CA GLN A 104 21.61 -10.27 -17.86
C GLN A 104 21.41 -9.95 -16.39
N ALA A 105 20.16 -9.93 -15.95
CA ALA A 105 19.88 -9.66 -14.53
C ALA A 105 20.30 -10.82 -13.59
N LEU A 106 20.05 -12.06 -14.01
CA LEU A 106 20.49 -13.24 -13.25
C LEU A 106 22.01 -13.33 -13.14
N GLU A 107 22.70 -13.13 -14.26
CA GLU A 107 24.16 -13.17 -14.30
C GLU A 107 24.74 -12.17 -13.30
N THR A 108 24.15 -10.99 -13.30
CA THR A 108 24.56 -9.88 -12.44
C THR A 108 24.29 -10.12 -10.95
N VAL A 109 23.17 -10.76 -10.62
CA VAL A 109 22.93 -11.16 -9.24
C VAL A 109 24.06 -12.05 -8.78
N GLN A 110 24.39 -13.05 -9.61
CA GLN A 110 25.46 -14.00 -9.30
C GLN A 110 26.77 -13.29 -9.03
N ALA A 111 27.18 -12.40 -9.93
CA ALA A 111 28.44 -11.73 -9.75
C ALA A 111 28.44 -10.77 -8.55
N LEU A 112 27.28 -10.20 -8.23
CA LEU A 112 27.23 -9.11 -7.26
C LEU A 112 26.59 -9.38 -5.89
N LEU A 113 25.74 -10.39 -5.79
CA LEU A 113 25.11 -10.67 -4.50
C LEU A 113 26.12 -10.80 -3.35
N PRO A 114 27.21 -11.57 -3.55
CA PRO A 114 28.12 -11.80 -2.41
C PRO A 114 28.75 -10.49 -1.93
N VAL A 115 29.19 -9.66 -2.88
CA VAL A 115 29.88 -8.42 -2.56
C VAL A 115 28.96 -7.34 -1.97
N LEU A 116 27.76 -7.21 -2.54
CA LEU A 116 26.72 -6.33 -2.00
C LEU A 116 26.35 -6.73 -0.56
N CYS A 117 26.06 -8.01 -0.37
CA CYS A 117 25.79 -8.56 0.97
C CYS A 117 26.92 -8.31 1.97
N GLN A 118 28.16 -8.50 1.55
CA GLN A 118 29.26 -8.38 2.50
C GLN A 118 29.68 -6.93 2.70
N ALA A 119 29.83 -6.19 1.60
CA ALA A 119 30.28 -4.80 1.64
C ALA A 119 29.29 -3.82 2.29
N HIS A 120 27.99 -4.05 2.12
CA HIS A 120 27.01 -3.10 2.59
C HIS A 120 25.99 -3.71 3.52
N GLY A 121 26.20 -4.99 3.84
CA GLY A 121 25.37 -5.67 4.82
C GLY A 121 24.01 -6.09 4.29
N LEU A 122 23.88 -6.18 2.97
CA LEU A 122 22.59 -6.56 2.40
C LEU A 122 22.29 -8.05 2.60
N THR A 123 21.00 -8.35 2.74
CA THR A 123 20.55 -9.74 2.70
C THR A 123 20.36 -10.14 1.25
N PRO A 124 20.44 -11.45 0.95
CA PRO A 124 20.09 -11.87 -0.40
C PRO A 124 18.70 -11.36 -0.77
N GLU A 125 17.77 -11.44 0.18
CA GLU A 125 16.41 -10.95 -0.03
C GLU A 125 16.41 -9.55 -0.62
N GLN A 126 17.17 -8.64 -0.01
CA GLN A 126 17.24 -7.28 -0.49
C GLN A 126 17.82 -7.25 -1.92
N VAL A 127 18.81 -8.09 -2.19
CA VAL A 127 19.42 -8.09 -3.52
C VAL A 127 18.44 -8.60 -4.58
N VAL A 128 17.56 -9.51 -4.17
CA VAL A 128 16.55 -10.05 -5.07
C VAL A 128 15.51 -8.98 -5.42
N ALA A 129 15.10 -8.20 -4.41
CA ALA A 129 14.16 -7.10 -4.63
C ALA A 129 14.72 -6.05 -5.59
N ILE A 130 16.00 -5.73 -5.45
CA ILE A 130 16.64 -4.79 -6.39
C ILE A 130 16.62 -5.30 -7.84
N ALA A 131 16.76 -6.61 -8.03
CA ALA A 131 16.84 -7.15 -9.38
C ALA A 131 15.50 -7.43 -10.07
N SER A 132 14.45 -7.69 -9.28
CA SER A 132 13.22 -8.22 -9.87
C SER A 132 12.17 -7.23 -10.38
N ASN A 133 12.59 -6.20 -11.11
CA ASN A 133 11.62 -5.33 -11.77
C ASN A 133 11.91 -5.05 -13.24
N GLY A 134 13.07 -5.53 -13.70
CA GLY A 134 13.53 -5.29 -15.06
C GLY A 134 14.54 -4.15 -15.04
N GLY A 135 15.49 -4.16 -15.97
CA GLY A 135 16.62 -3.26 -15.87
C GLY A 135 17.31 -3.69 -14.60
N GLY A 136 17.21 -4.98 -14.33
CA GLY A 136 17.77 -5.59 -13.15
C GLY A 136 19.26 -5.35 -13.12
N LYS A 137 19.94 -5.74 -14.20
CA LYS A 137 21.39 -5.57 -14.31
C LYS A 137 21.83 -4.16 -13.91
N GLN A 138 21.16 -3.17 -14.48
CA GLN A 138 21.56 -1.79 -14.26
C GLN A 138 21.18 -1.31 -12.86
N ALA A 139 20.04 -1.77 -12.36
CA ALA A 139 19.61 -1.44 -11.01
C ALA A 139 20.64 -1.91 -9.97
N LEU A 140 21.13 -3.14 -10.10
CA LEU A 140 22.13 -3.65 -9.18
C LEU A 140 23.44 -2.87 -9.26
N GLU A 141 23.94 -2.69 -10.47
CA GLU A 141 25.18 -1.94 -10.67
C GLU A 141 25.06 -0.53 -10.11
N THR A 142 23.90 0.11 -10.31
CA THR A 142 23.73 1.48 -9.81
C THR A 142 23.78 1.50 -8.28
N VAL A 143 23.07 0.55 -7.67
CA VAL A 143 23.10 0.38 -6.23
C VAL A 143 24.53 0.20 -5.76
N GLN A 144 25.31 -0.57 -6.51
CA GLN A 144 26.71 -0.78 -6.17
C GLN A 144 27.46 0.56 -6.18
N ARG A 145 27.34 1.32 -7.27
CA ARG A 145 27.94 2.65 -7.38
C ARG A 145 27.49 3.64 -6.29
N LEU A 146 26.18 3.88 -6.21
CA LEU A 146 25.69 5.04 -5.44
C LEU A 146 25.51 4.77 -3.97
N LEU A 147 25.54 3.50 -3.58
CA LEU A 147 25.16 3.16 -2.21
C LEU A 147 26.10 3.80 -1.17
N PRO A 148 27.41 3.56 -1.32
CA PRO A 148 28.36 4.16 -0.37
C PRO A 148 28.35 5.68 -0.49
N VAL A 149 28.26 6.18 -1.72
CA VAL A 149 28.12 7.61 -1.97
C VAL A 149 26.91 8.18 -1.23
N LEU A 150 25.71 7.76 -1.63
CA LEU A 150 24.46 8.28 -1.07
C LEU A 150 24.45 8.18 0.44
N CYS A 151 25.05 7.11 0.95
CA CYS A 151 25.05 6.90 2.37
C CYS A 151 25.95 7.88 3.11
N GLN A 152 27.08 8.24 2.49
CA GLN A 152 28.05 9.12 3.13
C GLN A 152 27.69 10.60 2.93
N ALA A 153 27.42 10.97 1.68
CA ALA A 153 27.02 12.35 1.34
C ALA A 153 25.74 12.84 2.03
N HIS A 154 24.72 11.99 2.10
CA HIS A 154 23.42 12.44 2.60
C HIS A 154 22.93 11.71 3.84
N GLY A 155 23.75 10.80 4.35
CA GLY A 155 23.42 10.08 5.55
C GLY A 155 22.29 9.08 5.37
N LEU A 156 22.28 8.44 4.20
CA LEU A 156 21.27 7.45 3.90
C LEU A 156 21.67 6.09 4.47
N THR A 157 20.72 5.17 4.53
CA THR A 157 20.98 3.83 5.02
C THR A 157 20.88 2.84 3.86
N PRO A 158 21.69 1.79 3.90
CA PRO A 158 21.63 0.79 2.82
C PRO A 158 20.18 0.35 2.59
N GLN A 159 19.46 0.19 3.70
CA GLN A 159 18.08 -0.23 3.65
C GLN A 159 17.24 0.83 2.87
N GLN A 160 17.54 2.10 3.08
CA GLN A 160 16.87 3.16 2.36
C GLN A 160 17.22 3.14 0.87
N VAL A 161 18.49 2.97 0.53
CA VAL A 161 18.82 2.88 -0.90
C VAL A 161 18.26 1.60 -1.52
N VAL A 162 18.13 0.53 -0.73
CA VAL A 162 17.46 -0.67 -1.25
C VAL A 162 16.01 -0.33 -1.59
N ALA A 163 15.32 0.31 -0.66
CA ALA A 163 13.92 0.63 -0.84
C ALA A 163 13.71 1.48 -2.10
N ILE A 164 14.53 2.51 -2.26
CA ILE A 164 14.48 3.39 -3.43
C ILE A 164 14.71 2.63 -4.74
N ALA A 165 15.50 1.57 -4.71
CA ALA A 165 15.82 0.83 -5.92
C ALA A 165 14.85 -0.29 -6.21
N SER A 166 14.09 -0.72 -5.20
CA SER A 166 13.26 -1.92 -5.31
C SER A 166 11.89 -1.75 -5.99
N ASN A 167 11.72 -0.75 -6.83
CA ASN A 167 10.49 -0.67 -7.61
C ASN A 167 10.83 -0.46 -9.09
N GLY A 168 9.82 -0.44 -9.95
CA GLY A 168 10.08 -0.19 -11.35
C GLY A 168 10.69 1.19 -11.58
N GLY A 169 11.97 1.24 -11.94
CA GLY A 169 12.66 2.50 -12.19
C GLY A 169 13.68 2.90 -11.12
N GLY A 170 14.23 1.91 -10.43
CA GLY A 170 15.19 2.15 -9.36
C GLY A 170 16.50 2.79 -9.77
N LYS A 171 17.02 2.43 -10.93
CA LYS A 171 18.23 3.09 -11.43
C LYS A 171 17.99 4.60 -11.59
N GLN A 172 17.01 4.96 -12.41
CA GLN A 172 16.56 6.34 -12.55
C GLN A 172 16.23 6.98 -11.19
N ALA A 173 15.52 6.23 -10.36
CA ALA A 173 15.11 6.72 -9.04
C ALA A 173 16.29 7.10 -8.14
N LEU A 174 17.33 6.27 -8.15
CA LEU A 174 18.53 6.53 -7.34
C LEU A 174 19.27 7.77 -7.80
N GLU A 175 19.43 7.91 -9.12
CA GLU A 175 20.10 9.09 -9.65
C GLU A 175 19.31 10.34 -9.31
N THR A 176 17.98 10.23 -9.36
CA THR A 176 17.14 11.40 -9.10
C THR A 176 17.24 11.77 -7.63
N VAL A 177 17.23 10.77 -6.74
CA VAL A 177 17.47 11.05 -5.33
C VAL A 177 18.80 11.77 -5.17
N GLN A 178 19.86 11.21 -5.73
CA GLN A 178 21.17 11.85 -5.63
C GLN A 178 21.09 13.29 -6.12
N ARG A 179 20.45 13.47 -7.27
N ARG A 179 20.45 13.47 -7.27
CA ARG A 179 20.31 14.79 -7.86
CA ARG A 179 20.30 14.78 -7.88
C ARG A 179 19.46 15.75 -7.03
C ARG A 179 19.46 15.75 -7.05
N LEU A 180 18.24 15.34 -6.68
CA LEU A 180 17.30 16.25 -6.04
C LEU A 180 17.37 16.31 -4.52
N LEU A 181 17.96 15.28 -3.92
CA LEU A 181 18.11 15.25 -2.48
C LEU A 181 18.56 16.63 -1.94
N PRO A 182 19.75 17.11 -2.38
CA PRO A 182 20.25 18.40 -1.87
C PRO A 182 19.36 19.61 -2.26
N VAL A 183 18.82 19.57 -3.47
CA VAL A 183 17.87 20.59 -3.90
C VAL A 183 16.67 20.78 -2.94
N LEU A 184 16.02 19.66 -2.60
CA LEU A 184 14.80 19.72 -1.78
C LEU A 184 15.10 20.02 -0.32
N CYS A 185 16.30 19.65 0.12
CA CYS A 185 16.65 19.82 1.53
C CYS A 185 17.14 21.23 1.85
N GLN A 186 17.45 22.00 0.82
CA GLN A 186 17.86 23.39 1.01
C GLN A 186 16.70 24.34 0.70
N ALA A 187 16.15 24.17 -0.49
CA ALA A 187 15.01 24.96 -0.96
C ALA A 187 13.80 24.88 -0.03
N HIS A 188 13.42 23.67 0.38
CA HIS A 188 12.15 23.50 1.07
C HIS A 188 12.28 22.90 2.45
N GLY A 189 13.52 22.67 2.87
CA GLY A 189 13.78 22.17 4.20
C GLY A 189 13.38 20.72 4.39
N LEU A 190 13.21 19.98 3.29
CA LEU A 190 12.90 18.55 3.40
C LEU A 190 14.10 17.80 4.01
N THR A 191 13.83 16.65 4.61
CA THR A 191 14.87 15.79 5.16
C THR A 191 15.12 14.62 4.20
N PRO A 192 16.30 13.99 4.30
CA PRO A 192 16.57 12.79 3.49
C PRO A 192 15.50 11.74 3.71
N GLN A 193 15.09 11.54 4.95
CA GLN A 193 14.04 10.59 5.27
C GLN A 193 12.77 10.91 4.48
N GLN A 194 12.48 12.20 4.35
CA GLN A 194 11.32 12.61 3.58
C GLN A 194 11.52 12.30 2.08
N VAL A 195 12.66 12.70 1.55
CA VAL A 195 13.02 12.38 0.17
C VAL A 195 12.97 10.88 -0.10
N VAL A 196 13.59 10.09 0.78
CA VAL A 196 13.56 8.64 0.65
C VAL A 196 12.11 8.15 0.58
N ALA A 197 11.28 8.63 1.49
CA ALA A 197 9.89 8.23 1.54
C ALA A 197 9.17 8.59 0.24
N ILE A 198 9.56 9.70 -0.38
CA ILE A 198 8.91 10.06 -1.62
C ILE A 198 9.36 9.11 -2.74
N ALA A 199 10.67 8.85 -2.82
CA ALA A 199 11.22 8.03 -3.89
C ALA A 199 10.90 6.51 -3.81
N SER A 200 10.43 6.01 -2.67
CA SER A 200 10.22 4.55 -2.48
C SER A 200 8.84 3.95 -2.78
N ASN A 201 8.27 4.20 -3.95
CA ASN A 201 7.06 3.51 -4.35
C ASN A 201 7.09 3.32 -5.86
N GLY A 202 5.93 3.10 -6.48
CA GLY A 202 5.87 3.18 -7.92
C GLY A 202 6.24 4.57 -8.42
N GLY A 203 7.29 4.65 -9.25
CA GLY A 203 7.70 5.91 -9.86
C GLY A 203 8.35 6.90 -8.91
N GLY A 204 9.59 6.64 -8.54
CA GLY A 204 10.29 7.51 -7.62
C GLY A 204 10.69 8.81 -8.29
N LYS A 205 11.35 8.69 -9.44
CA LYS A 205 11.74 9.84 -10.27
C LYS A 205 10.58 10.83 -10.47
N GLN A 206 9.44 10.31 -10.92
CA GLN A 206 8.28 11.15 -11.21
C GLN A 206 7.77 11.83 -9.97
N ALA A 207 7.66 11.08 -8.88
CA ALA A 207 7.18 11.63 -7.61
C ALA A 207 8.08 12.73 -7.05
N LEU A 208 9.39 12.54 -7.14
CA LEU A 208 10.33 13.55 -6.67
C LEU A 208 10.24 14.84 -7.48
N GLU A 209 10.22 14.70 -8.80
CA GLU A 209 10.13 15.88 -9.65
C GLU A 209 8.81 16.59 -9.45
N THR A 210 7.74 15.82 -9.20
CA THR A 210 6.43 16.42 -8.97
C THR A 210 6.39 17.19 -7.66
N VAL A 211 7.02 16.63 -6.64
CA VAL A 211 7.12 17.32 -5.36
C VAL A 211 7.89 18.62 -5.57
N GLN A 212 8.98 18.54 -6.32
CA GLN A 212 9.81 19.72 -6.56
C GLN A 212 9.03 20.82 -7.27
N ARG A 213 8.24 20.45 -8.27
CA ARG A 213 7.45 21.43 -9.01
C ARG A 213 6.26 21.94 -8.19
N LEU A 214 5.55 21.02 -7.53
CA LEU A 214 4.30 21.39 -6.86
C LEU A 214 4.42 21.85 -5.41
N LEU A 215 5.53 21.54 -4.75
CA LEU A 215 5.67 21.92 -3.34
C LEU A 215 5.35 23.42 -3.15
N PRO A 216 6.14 24.31 -3.79
CA PRO A 216 5.97 25.76 -3.56
C PRO A 216 4.54 26.21 -3.83
N VAL A 217 3.92 25.62 -4.85
CA VAL A 217 2.58 25.98 -5.30
C VAL A 217 1.49 25.56 -4.31
N LEU A 218 1.48 24.27 -3.96
CA LEU A 218 0.60 23.73 -2.93
C LEU A 218 0.66 24.57 -1.64
N CYS A 219 1.84 25.06 -1.30
CA CYS A 219 1.99 25.84 -0.07
C CYS A 219 1.50 27.29 -0.24
N GLN A 220 2.01 27.96 -1.27
CA GLN A 220 1.80 29.40 -1.36
C GLN A 220 0.46 29.77 -1.99
N ALA A 221 0.05 29.04 -3.01
CA ALA A 221 -1.27 29.29 -3.59
C ALA A 221 -2.35 28.56 -2.79
N HIS A 222 -2.07 27.34 -2.32
CA HIS A 222 -3.12 26.51 -1.72
C HIS A 222 -3.09 26.34 -0.19
N GLY A 223 -2.14 26.98 0.48
CA GLY A 223 -2.13 27.04 1.92
C GLY A 223 -1.72 25.73 2.60
N LEU A 224 -0.84 24.99 1.97
CA LEU A 224 -0.31 23.76 2.57
C LEU A 224 1.03 24.01 3.22
N THR A 225 1.44 23.03 4.02
CA THR A 225 2.83 22.92 4.47
C THR A 225 3.61 21.84 3.71
N PRO A 226 4.93 21.99 3.67
CA PRO A 226 5.84 20.98 3.13
C PRO A 226 5.59 19.59 3.71
N GLN A 227 5.39 19.51 5.02
CA GLN A 227 5.09 18.22 5.65
C GLN A 227 3.85 17.58 5.03
N GLN A 228 2.84 18.38 4.74
CA GLN A 228 1.62 17.84 4.14
C GLN A 228 1.85 17.39 2.70
N VAL A 229 2.58 18.20 1.93
CA VAL A 229 2.97 17.78 0.58
C VAL A 229 3.72 16.45 0.66
N VAL A 230 4.64 16.34 1.60
CA VAL A 230 5.37 15.09 1.76
C VAL A 230 4.42 13.93 2.07
N ALA A 231 3.53 14.11 3.05
CA ALA A 231 2.60 13.02 3.38
C ALA A 231 1.80 12.55 2.16
N ILE A 232 1.29 13.47 1.34
CA ILE A 232 0.53 13.07 0.17
C ILE A 232 1.38 12.30 -0.83
N ALA A 233 2.62 12.76 -1.00
CA ALA A 233 3.55 12.17 -1.96
C ALA A 233 4.05 10.79 -1.53
N SER A 234 4.11 10.55 -0.22
CA SER A 234 4.71 9.32 0.30
C SER A 234 3.85 8.08 0.12
N ASN A 235 3.28 7.87 -1.06
CA ASN A 235 2.44 6.70 -1.26
C ASN A 235 2.39 6.23 -2.71
N SER A 236 2.10 4.95 -2.92
CA SER A 236 1.96 4.44 -4.28
C SER A 236 1.12 5.43 -5.08
N GLY A 237 1.74 6.11 -6.04
CA GLY A 237 1.07 7.16 -6.77
C GLY A 237 1.10 8.45 -5.97
N GLY A 238 2.27 9.05 -5.88
CA GLY A 238 2.42 10.32 -5.18
C GLY A 238 2.15 11.42 -6.18
N LYS A 239 2.66 11.22 -7.40
CA LYS A 239 2.47 12.15 -8.50
C LYS A 239 0.98 12.49 -8.70
N GLN A 240 0.17 11.47 -9.00
CA GLN A 240 -1.26 11.71 -9.25
C GLN A 240 -1.93 12.21 -7.99
N ALA A 241 -1.61 11.58 -6.85
CA ALA A 241 -2.15 12.06 -5.59
C ALA A 241 -1.92 13.58 -5.40
N LEU A 242 -0.69 14.05 -5.59
CA LEU A 242 -0.42 15.47 -5.43
C LEU A 242 -1.18 16.27 -6.50
N GLU A 243 -1.30 15.70 -7.69
CA GLU A 243 -2.00 16.40 -8.75
C GLU A 243 -3.50 16.49 -8.46
N THR A 244 -4.09 15.38 -8.02
CA THR A 244 -5.49 15.37 -7.63
C THR A 244 -5.73 16.35 -6.50
N VAL A 245 -4.84 16.37 -5.51
CA VAL A 245 -5.01 17.32 -4.43
C VAL A 245 -4.97 18.74 -4.98
N GLN A 246 -3.99 18.99 -5.85
CA GLN A 246 -3.85 20.30 -6.46
C GLN A 246 -5.17 20.78 -7.07
N ARG A 247 -5.90 19.89 -7.74
CA ARG A 247 -7.10 20.32 -8.44
C ARG A 247 -8.35 20.34 -7.59
N LEU A 248 -8.46 19.43 -6.62
CA LEU A 248 -9.69 19.35 -5.83
C LEU A 248 -9.63 20.23 -4.59
N LEU A 249 -8.44 20.69 -4.25
CA LEU A 249 -8.31 21.48 -3.03
C LEU A 249 -9.28 22.69 -3.00
N PRO A 250 -9.18 23.59 -4.01
CA PRO A 250 -10.02 24.81 -3.94
C PRO A 250 -11.53 24.52 -4.06
N VAL A 251 -11.87 23.51 -4.83
CA VAL A 251 -13.25 23.08 -5.02
C VAL A 251 -13.86 22.56 -3.72
N LEU A 252 -13.15 21.66 -3.06
CA LEU A 252 -13.68 20.99 -1.89
C LEU A 252 -13.72 21.96 -0.72
N CYS A 253 -12.75 22.87 -0.67
CA CYS A 253 -12.72 23.83 0.43
C CYS A 253 -13.83 24.87 0.31
N GLN A 254 -14.03 25.42 -0.88
CA GLN A 254 -15.05 26.45 -1.02
C GLN A 254 -16.44 25.83 -1.05
N ALA A 255 -16.60 24.72 -1.77
CA ALA A 255 -17.96 24.14 -1.92
C ALA A 255 -18.43 23.45 -0.63
N HIS A 256 -17.58 22.66 0.00
CA HIS A 256 -18.04 21.94 1.19
C HIS A 256 -17.41 22.39 2.50
N GLY A 257 -16.79 23.57 2.48
CA GLY A 257 -16.34 24.15 3.72
C GLY A 257 -15.23 23.42 4.47
N LEU A 258 -14.71 22.33 3.91
CA LEU A 258 -13.66 21.60 4.62
C LEU A 258 -12.29 22.24 4.43
N THR A 259 -11.38 21.93 5.35
CA THR A 259 -10.08 22.56 5.40
C THR A 259 -9.02 21.76 4.66
N PRO A 260 -7.82 22.35 4.47
CA PRO A 260 -6.70 21.58 3.91
C PRO A 260 -6.28 20.40 4.80
N GLN A 261 -6.25 20.62 6.12
CA GLN A 261 -5.89 19.55 7.05
C GLN A 261 -6.72 18.30 6.77
N GLN A 262 -8.02 18.51 6.52
CA GLN A 262 -8.93 17.42 6.25
C GLN A 262 -8.63 16.79 4.88
N VAL A 263 -8.42 17.62 3.87
CA VAL A 263 -8.10 17.12 2.53
C VAL A 263 -6.80 16.34 2.56
N VAL A 264 -5.80 16.88 3.25
CA VAL A 264 -4.57 16.15 3.41
C VAL A 264 -4.82 14.79 4.10
N ALA A 265 -5.62 14.80 5.17
CA ALA A 265 -5.87 13.56 5.91
C ALA A 265 -6.44 12.48 4.99
N ILE A 266 -7.37 12.86 4.13
CA ILE A 266 -7.96 11.96 3.14
C ILE A 266 -6.93 11.42 2.16
N ALA A 267 -6.10 12.32 1.64
CA ALA A 267 -5.13 11.99 0.58
C ALA A 267 -3.87 11.27 1.08
N SER A 268 -3.58 11.39 2.37
CA SER A 268 -2.35 10.84 2.96
C SER A 268 -2.39 9.34 3.27
N ASN A 269 -3.39 8.62 2.79
CA ASN A 269 -3.42 7.16 2.95
C ASN A 269 -3.20 6.52 1.57
N GLY A 270 -2.83 5.24 1.54
CA GLY A 270 -2.77 4.54 0.27
C GLY A 270 -4.12 4.64 -0.43
N GLY A 271 -4.11 4.88 -1.75
CA GLY A 271 -5.36 5.03 -2.50
C GLY A 271 -5.99 6.41 -2.30
N GLY A 272 -5.18 7.32 -1.74
CA GLY A 272 -5.58 8.68 -1.48
C GLY A 272 -6.26 9.38 -2.64
N LYS A 273 -5.65 9.38 -3.82
CA LYS A 273 -6.29 10.02 -4.96
C LYS A 273 -7.75 9.59 -5.08
N GLN A 274 -7.98 8.29 -5.23
CA GLN A 274 -9.33 7.77 -5.36
C GLN A 274 -10.21 8.15 -4.17
N ALA A 275 -9.67 8.03 -2.96
CA ALA A 275 -10.37 8.50 -1.76
C ALA A 275 -10.90 9.94 -1.90
N LEU A 276 -10.02 10.88 -2.26
CA LEU A 276 -10.43 12.25 -2.49
C LEU A 276 -11.49 12.31 -3.57
N GLU A 277 -11.26 11.61 -4.68
CA GLU A 277 -12.17 11.66 -5.83
C GLU A 277 -13.59 11.21 -5.46
N THR A 278 -13.69 10.15 -4.63
CA THR A 278 -14.99 9.68 -4.23
C THR A 278 -15.60 10.59 -3.17
N VAL A 279 -14.76 11.21 -2.33
CA VAL A 279 -15.31 12.24 -1.44
C VAL A 279 -16.01 13.32 -2.27
N GLN A 280 -15.40 13.73 -3.36
CA GLN A 280 -16.01 14.81 -4.12
C GLN A 280 -17.38 14.44 -4.69
N ARG A 281 -17.53 13.18 -5.09
CA ARG A 281 -18.82 12.84 -5.70
C ARG A 281 -19.85 12.37 -4.68
N LEU A 282 -19.38 11.90 -3.52
CA LEU A 282 -20.28 11.35 -2.52
C LEU A 282 -20.66 12.30 -1.39
N LEU A 283 -19.77 13.20 -1.00
CA LEU A 283 -20.08 14.23 0.00
C LEU A 283 -21.51 14.82 -0.18
N PRO A 284 -21.82 15.32 -1.39
CA PRO A 284 -23.11 16.02 -1.51
C PRO A 284 -24.32 15.10 -1.31
N VAL A 285 -24.29 13.97 -2.01
CA VAL A 285 -25.31 12.94 -1.85
C VAL A 285 -25.50 12.53 -0.39
N LEU A 286 -24.39 12.24 0.29
CA LEU A 286 -24.47 11.73 1.64
C LEU A 286 -24.98 12.80 2.58
N CYS A 287 -24.54 14.03 2.36
CA CYS A 287 -24.96 15.12 3.24
C CYS A 287 -26.46 15.44 3.06
N GLN A 288 -26.88 15.50 1.81
CA GLN A 288 -28.24 15.92 1.51
C GLN A 288 -29.24 14.80 1.75
N ALA A 289 -28.90 13.59 1.34
CA ALA A 289 -29.86 12.50 1.37
C ALA A 289 -29.85 11.72 2.69
N HIS A 290 -28.69 11.73 3.35
CA HIS A 290 -28.48 10.96 4.57
C HIS A 290 -28.24 11.84 5.76
N GLY A 291 -28.34 13.16 5.56
CA GLY A 291 -28.10 14.11 6.64
C GLY A 291 -26.75 13.94 7.32
N LEU A 292 -25.75 13.51 6.54
CA LEU A 292 -24.38 13.45 7.06
C LEU A 292 -23.78 14.85 6.95
N THR A 293 -22.85 15.18 7.84
CA THR A 293 -22.07 16.42 7.69
C THR A 293 -20.71 16.15 7.04
N PRO A 294 -20.18 17.15 6.33
CA PRO A 294 -18.86 16.96 5.71
C PRO A 294 -17.81 16.55 6.74
N GLN A 295 -17.95 17.01 7.99
CA GLN A 295 -17.00 16.62 9.04
C GLN A 295 -16.92 15.09 9.18
N GLN A 296 -18.09 14.46 9.11
CA GLN A 296 -18.22 13.03 9.25
C GLN A 296 -17.71 12.32 8.01
N VAL A 297 -18.20 12.76 6.84
CA VAL A 297 -17.71 12.21 5.59
C VAL A 297 -16.17 12.18 5.62
N VAL A 298 -15.55 13.27 6.10
CA VAL A 298 -14.10 13.32 6.17
C VAL A 298 -13.58 12.17 7.06
N ALA A 299 -14.13 12.04 8.27
CA ALA A 299 -13.74 11.00 9.23
C ALA A 299 -13.81 9.59 8.63
N ILE A 300 -14.90 9.30 7.95
CA ILE A 300 -15.02 8.05 7.23
C ILE A 300 -13.85 7.89 6.26
N ALA A 301 -13.64 8.88 5.40
CA ALA A 301 -12.65 8.74 4.35
C ALA A 301 -11.19 8.79 4.84
N SER A 302 -10.97 9.34 6.04
CA SER A 302 -9.65 9.60 6.58
C SER A 302 -8.89 8.39 7.14
N HIS A 303 -9.30 7.18 6.77
CA HIS A 303 -8.60 5.98 7.21
C HIS A 303 -8.26 5.13 6.00
N ASP A 304 -7.48 4.08 6.18
CA ASP A 304 -7.20 3.16 5.08
C ASP A 304 -8.49 2.47 4.66
N GLY A 305 -8.77 2.42 3.36
CA GLY A 305 -10.04 1.89 2.90
C GLY A 305 -11.15 2.92 3.06
N GLY A 306 -10.75 4.18 3.27
CA GLY A 306 -11.69 5.28 3.35
C GLY A 306 -12.60 5.35 2.13
N LYS A 307 -12.03 5.10 0.96
CA LYS A 307 -12.83 5.10 -0.25
C LYS A 307 -13.93 4.04 -0.21
N GLN A 308 -13.56 2.81 0.11
CA GLN A 308 -14.52 1.70 0.18
C GLN A 308 -15.44 1.85 1.39
N ALA A 309 -14.95 2.47 2.46
CA ALA A 309 -15.77 2.72 3.64
C ALA A 309 -16.88 3.72 3.28
N LEU A 310 -16.49 4.84 2.70
CA LEU A 310 -17.45 5.85 2.24
C LEU A 310 -18.49 5.22 1.30
N GLU A 311 -18.03 4.52 0.27
CA GLU A 311 -18.91 3.78 -0.66
C GLU A 311 -19.89 2.85 0.05
N THR A 312 -19.38 2.10 1.04
CA THR A 312 -20.21 1.13 1.75
C THR A 312 -21.27 1.86 2.57
N VAL A 313 -20.90 2.98 3.18
CA VAL A 313 -21.84 3.82 3.91
C VAL A 313 -23.05 4.18 3.04
N GLN A 314 -22.79 4.58 1.81
CA GLN A 314 -23.88 4.90 0.89
C GLN A 314 -24.75 3.67 0.61
N ARG A 315 -24.13 2.52 0.42
CA ARG A 315 -24.86 1.30 0.08
C ARG A 315 -25.73 0.82 1.25
N LEU A 316 -25.17 0.81 2.45
CA LEU A 316 -25.78 0.15 3.60
C LEU A 316 -26.55 1.05 4.58
N LEU A 317 -26.23 2.34 4.64
CA LEU A 317 -26.89 3.23 5.61
C LEU A 317 -28.43 3.12 5.63
N PRO A 318 -29.06 3.02 4.44
CA PRO A 318 -30.53 2.98 4.47
C PRO A 318 -31.09 1.70 5.10
N VAL A 319 -30.44 0.59 4.74
CA VAL A 319 -30.85 -0.71 5.24
C VAL A 319 -30.66 -0.72 6.76
N LEU A 320 -29.48 -0.27 7.20
CA LEU A 320 -29.17 -0.20 8.62
C LEU A 320 -30.16 0.66 9.42
N CYS A 321 -30.51 1.82 8.89
CA CYS A 321 -31.51 2.67 9.54
C CYS A 321 -32.91 2.06 9.46
N GLN A 322 -33.27 1.52 8.29
CA GLN A 322 -34.63 1.02 8.11
C GLN A 322 -34.90 -0.35 8.75
N ALA A 323 -33.93 -1.25 8.72
CA ALA A 323 -34.15 -2.62 9.21
C ALA A 323 -33.43 -3.01 10.52
N HIS A 324 -32.36 -2.29 10.85
CA HIS A 324 -31.52 -2.70 11.98
C HIS A 324 -31.45 -1.68 13.10
N GLY A 325 -32.32 -0.68 13.05
CA GLY A 325 -32.48 0.24 14.17
C GLY A 325 -31.35 1.26 14.37
N LEU A 326 -30.57 1.50 13.33
CA LEU A 326 -29.46 2.44 13.43
C LEU A 326 -29.86 3.85 12.96
N THR A 327 -29.26 4.88 13.54
CA THR A 327 -29.29 6.24 12.99
C THR A 327 -28.06 6.44 12.07
N PRO A 328 -28.18 7.34 11.10
CA PRO A 328 -26.99 7.70 10.31
C PRO A 328 -25.80 8.03 11.21
N GLU A 329 -26.06 8.63 12.36
CA GLU A 329 -24.99 9.02 13.28
C GLU A 329 -24.19 7.81 13.75
N GLN A 330 -24.91 6.73 14.08
CA GLN A 330 -24.31 5.50 14.53
C GLN A 330 -23.61 4.84 13.35
N VAL A 331 -24.25 4.84 12.17
CA VAL A 331 -23.60 4.28 10.99
C VAL A 331 -22.23 4.95 10.81
N VAL A 332 -22.17 6.26 10.98
CA VAL A 332 -20.92 7.01 10.87
C VAL A 332 -19.90 6.53 11.90
N ALA A 333 -20.33 6.35 13.13
CA ALA A 333 -19.43 5.99 14.20
C ALA A 333 -18.73 4.66 13.90
N ILE A 334 -19.50 3.73 13.32
CA ILE A 334 -19.01 2.41 12.93
C ILE A 334 -17.98 2.48 11.80
N ALA A 335 -18.33 3.22 10.76
CA ALA A 335 -17.50 3.39 9.59
C ALA A 335 -16.21 4.19 9.89
N SER A 336 -16.20 4.91 11.01
CA SER A 336 -15.11 5.83 11.35
C SER A 336 -13.92 5.22 12.10
N ASN A 337 -13.48 4.05 11.65
CA ASN A 337 -12.29 3.37 12.20
C ASN A 337 -11.58 2.64 11.07
N GLY A 338 -10.50 1.94 11.40
CA GLY A 338 -9.88 1.08 10.41
C GLY A 338 -10.83 -0.01 9.95
N GLY A 339 -10.94 -0.21 8.63
CA GLY A 339 -11.78 -1.26 8.08
C GLY A 339 -13.25 -1.04 8.39
N GLY A 340 -13.67 0.22 8.32
CA GLY A 340 -15.06 0.55 8.53
C GLY A 340 -15.97 -0.26 7.63
N LYS A 341 -15.58 -0.47 6.37
CA LYS A 341 -16.41 -1.25 5.44
C LYS A 341 -16.77 -2.63 5.99
N GLN A 342 -15.75 -3.34 6.47
CA GLN A 342 -15.94 -4.67 7.03
C GLN A 342 -16.75 -4.61 8.32
N ALA A 343 -16.55 -3.55 9.09
CA ALA A 343 -17.29 -3.39 10.35
C ALA A 343 -18.79 -3.16 10.12
N LEU A 344 -19.14 -2.29 9.16
CA LEU A 344 -20.53 -2.10 8.77
C LEU A 344 -21.13 -3.39 8.26
N GLU A 345 -20.41 -4.06 7.36
CA GLU A 345 -20.89 -5.32 6.79
C GLU A 345 -21.21 -6.35 7.87
N THR A 346 -20.39 -6.41 8.91
CA THR A 346 -20.63 -7.43 9.90
C THR A 346 -21.65 -6.97 10.95
N VAL A 347 -21.80 -5.65 11.11
CA VAL A 347 -22.91 -5.13 11.91
C VAL A 347 -24.23 -5.53 11.25
N GLN A 348 -24.29 -5.38 9.93
CA GLN A 348 -25.44 -5.80 9.15
C GLN A 348 -25.69 -7.30 9.31
N ARG A 349 -24.60 -8.07 9.31
CA ARG A 349 -24.68 -9.51 9.38
C ARG A 349 -25.12 -9.99 10.77
N LEU A 350 -24.53 -9.41 11.81
CA LEU A 350 -24.64 -9.95 13.15
C LEU A 350 -25.75 -9.31 14.00
N LEU A 351 -26.06 -8.04 13.71
CA LEU A 351 -27.03 -7.32 14.54
C LEU A 351 -28.31 -8.10 14.79
N PRO A 352 -28.91 -8.68 13.72
CA PRO A 352 -30.18 -9.39 13.92
C PRO A 352 -30.05 -10.54 14.92
N VAL A 353 -29.10 -11.43 14.70
CA VAL A 353 -28.83 -12.54 15.62
C VAL A 353 -28.62 -12.03 17.05
N LEU A 354 -27.74 -11.04 17.18
CA LEU A 354 -27.35 -10.53 18.48
C LEU A 354 -28.57 -9.99 19.25
N CYS A 355 -29.46 -9.30 18.53
CA CYS A 355 -30.67 -8.75 19.17
C CYS A 355 -31.74 -9.82 19.44
N GLN A 356 -32.03 -10.64 18.44
CA GLN A 356 -33.05 -11.68 18.56
C GLN A 356 -32.68 -12.75 19.58
N ALA A 357 -31.51 -13.34 19.42
CA ALA A 357 -31.09 -14.47 20.28
C ALA A 357 -30.43 -14.11 21.61
N HIS A 358 -29.76 -12.96 21.70
CA HIS A 358 -29.06 -12.66 22.96
C HIS A 358 -29.53 -11.39 23.66
N GLY A 359 -30.55 -10.76 23.09
CA GLY A 359 -31.20 -9.66 23.74
C GLY A 359 -30.42 -8.36 23.73
N LEU A 360 -29.50 -8.19 22.79
CA LEU A 360 -28.80 -6.91 22.70
C LEU A 360 -29.68 -5.85 22.02
N THR A 361 -29.39 -4.59 22.29
CA THR A 361 -29.99 -3.49 21.54
C THR A 361 -29.01 -3.07 20.44
N PRO A 362 -29.55 -2.46 19.36
CA PRO A 362 -28.62 -1.98 18.34
C PRO A 362 -27.61 -1.03 18.97
N GLU A 363 -28.09 -0.16 19.85
CA GLU A 363 -27.19 0.71 20.62
C GLU A 363 -26.01 -0.10 21.13
N GLN A 364 -26.29 -1.20 21.83
CA GLN A 364 -25.24 -2.08 22.31
C GLN A 364 -24.34 -2.59 21.17
N VAL A 365 -24.95 -3.06 20.08
CA VAL A 365 -24.15 -3.53 18.95
C VAL A 365 -23.22 -2.40 18.50
N VAL A 366 -23.80 -1.21 18.31
CA VAL A 366 -23.01 -0.07 17.87
C VAL A 366 -21.83 0.22 18.81
N ALA A 367 -22.06 0.17 20.11
CA ALA A 367 -21.00 0.42 21.07
C ALA A 367 -19.83 -0.56 20.94
N ILE A 368 -20.13 -1.79 20.49
CA ILE A 368 -19.06 -2.78 20.34
C ILE A 368 -18.30 -2.57 19.04
N ALA A 369 -19.04 -2.32 17.97
CA ALA A 369 -18.44 -2.16 16.66
C ALA A 369 -17.64 -0.86 16.52
N SER A 370 -17.91 0.10 17.41
CA SER A 370 -17.35 1.44 17.31
C SER A 370 -15.99 1.60 17.96
N HIS A 371 -15.08 0.67 17.70
CA HIS A 371 -13.71 0.76 18.19
C HIS A 371 -12.76 0.11 17.23
N ASP A 372 -11.47 0.38 17.36
CA ASP A 372 -10.49 -0.28 16.49
C ASP A 372 -10.70 -1.78 16.63
N GLY A 373 -11.03 -2.44 15.52
CA GLY A 373 -11.36 -3.85 15.56
C GLY A 373 -12.70 -4.08 16.25
N GLY A 374 -13.74 -3.43 15.74
CA GLY A 374 -15.08 -3.61 16.25
C GLY A 374 -15.64 -4.88 15.66
N LYS A 375 -15.30 -5.10 14.39
CA LYS A 375 -15.68 -6.30 13.65
C LYS A 375 -15.40 -7.61 14.41
N GLN A 376 -14.15 -7.81 14.78
CA GLN A 376 -13.76 -9.04 15.44
C GLN A 376 -14.26 -9.02 16.86
N ALA A 377 -14.40 -7.82 17.42
CA ALA A 377 -14.96 -7.67 18.75
C ALA A 377 -16.47 -8.08 18.75
N LEU A 378 -17.19 -7.80 17.68
CA LEU A 378 -18.57 -8.24 17.56
C LEU A 378 -18.63 -9.74 17.33
N GLU A 379 -17.68 -10.25 16.54
CA GLU A 379 -17.62 -11.69 16.25
C GLU A 379 -17.40 -12.51 17.52
N THR A 380 -16.51 -12.03 18.39
CA THR A 380 -16.24 -12.78 19.60
C THR A 380 -17.33 -12.58 20.66
N VAL A 381 -18.00 -11.42 20.63
CA VAL A 381 -19.20 -11.22 21.43
C VAL A 381 -20.25 -12.27 21.03
N GLN A 382 -20.41 -12.50 19.73
CA GLN A 382 -21.35 -13.53 19.28
C GLN A 382 -20.95 -14.89 19.82
N ARG A 383 -19.66 -15.22 19.71
CA ARG A 383 -19.14 -16.50 20.19
C ARG A 383 -19.29 -16.72 21.70
N LEU A 384 -18.87 -15.75 22.51
CA LEU A 384 -18.77 -15.94 23.96
C LEU A 384 -20.04 -15.66 24.75
N LEU A 385 -20.91 -14.82 24.21
CA LEU A 385 -22.11 -14.44 24.94
C LEU A 385 -22.89 -15.62 25.54
N PRO A 386 -23.29 -16.60 24.70
CA PRO A 386 -24.08 -17.75 25.13
C PRO A 386 -23.32 -18.75 26.01
N VAL A 387 -22.02 -18.52 26.21
CA VAL A 387 -21.27 -19.43 27.08
C VAL A 387 -20.97 -18.75 28.42
N LEU A 388 -20.67 -17.45 28.38
CA LEU A 388 -20.43 -16.68 29.59
C LEU A 388 -21.72 -16.41 30.39
N CYS A 389 -22.82 -16.19 29.70
CA CYS A 389 -24.10 -15.93 30.34
C CYS A 389 -24.82 -17.23 30.68
N GLN A 390 -24.04 -18.30 30.85
CA GLN A 390 -24.61 -19.60 31.18
C GLN A 390 -23.79 -20.30 32.26
N ALA A 391 -22.52 -19.93 32.35
CA ALA A 391 -21.62 -20.52 33.35
C ALA A 391 -21.33 -19.53 34.47
N HIS A 392 -21.30 -18.24 34.14
CA HIS A 392 -21.02 -17.20 35.11
C HIS A 392 -22.18 -16.24 35.20
N GLY A 393 -23.38 -16.73 34.90
CA GLY A 393 -24.55 -15.91 34.96
C GLY A 393 -24.26 -14.45 34.63
N LEU A 394 -23.11 -14.18 33.98
CA LEU A 394 -22.88 -12.83 33.49
C LEU A 394 -24.11 -12.43 32.69
N THR A 395 -24.43 -11.13 32.71
CA THR A 395 -25.52 -10.66 31.90
C THR A 395 -24.98 -10.11 30.60
N PRO A 396 -25.80 -10.18 29.55
CA PRO A 396 -25.42 -9.59 28.27
C PRO A 396 -24.91 -8.16 28.47
N GLN A 397 -25.47 -7.45 29.44
CA GLN A 397 -25.09 -6.07 29.69
C GLN A 397 -23.62 -5.99 30.13
N GLN A 398 -23.22 -6.95 30.95
CA GLN A 398 -21.85 -7.03 31.42
C GLN A 398 -20.88 -7.34 30.28
N VAL A 399 -21.26 -8.27 29.42
CA VAL A 399 -20.39 -8.63 28.30
C VAL A 399 -20.15 -7.41 27.44
N VAL A 400 -21.24 -6.70 27.16
CA VAL A 400 -21.20 -5.49 26.35
C VAL A 400 -20.23 -4.48 26.97
N ALA A 401 -20.42 -4.20 28.25
CA ALA A 401 -19.55 -3.31 29.01
C ALA A 401 -18.06 -3.66 28.84
N ILE A 402 -17.77 -4.96 28.83
CA ILE A 402 -16.39 -5.42 28.65
C ILE A 402 -15.93 -5.16 27.22
N ALA A 403 -16.75 -5.54 26.24
CA ALA A 403 -16.39 -5.47 24.83
C ALA A 403 -16.36 -4.04 24.24
N SER A 404 -16.95 -3.09 24.97
CA SER A 404 -17.02 -1.71 24.51
C SER A 404 -15.79 -0.90 24.90
N ASN A 405 -14.62 -1.39 24.51
CA ASN A 405 -13.37 -0.71 24.81
C ASN A 405 -12.28 -1.07 23.81
N GLY A 406 -11.12 -0.44 23.94
CA GLY A 406 -10.01 -0.71 23.04
C GLY A 406 -9.36 -2.05 23.30
#